data_7EGU
#
_entry.id   7EGU
#
_cell.length_a   44.906
_cell.length_b   57.442
_cell.length_c   91.820
_cell.angle_alpha   90.00
_cell.angle_beta   90.00
_cell.angle_gamma   90.00
#
_symmetry.space_group_name_H-M   'P 21 21 21'
#
loop_
_entity.id
_entity.type
_entity.pdbx_description
1 polymer 'Nicotinamide N-methyltransferase'
2 polymer 'macrocyclic peptide X'
3 water water
#
loop_
_entity_poly.entity_id
_entity_poly.type
_entity_poly.pdbx_seq_one_letter_code
_entity_poly.pdbx_strand_id
1 'polypeptide(L)'
;GSGFTSKDTYLSHFNPRDYLEKYYKFGSRHSAESQILKHLLKNLFKIFCLDGVKGDLLIDIGSGPTIYQLLSACESFKEI
VVTDYSDQNLQELEKWLKKEPAAFDWSPVVTYVCDLEGNRVKGPEKEEKLRQAVKQVLKCDVTQSQPLGAVPLPPADCVL
STLCLDAACPDLPTYCRALRNLGSLLKPGGFLVIMDALKSSYYMIGEQKFSSLPLGREAVEAAVKEAGYTIEWFEVISQS
YSSTMANNEGLFSLVARKL
;
A
2 'polypeptide(L)' FPLIFPRKG(OCY)GG B
#
# COMPACT_ATOMS: atom_id res chain seq x y z
N THR A 9 -21.77 -9.56 -5.19
CA THR A 9 -21.30 -10.21 -6.46
C THR A 9 -19.80 -10.31 -6.28
N TYR A 10 -19.21 -11.31 -6.89
CA TYR A 10 -17.73 -11.37 -6.89
C TYR A 10 -17.21 -10.28 -7.81
N LEU A 11 -18.04 -9.91 -8.81
CA LEU A 11 -17.63 -8.81 -9.72
C LEU A 11 -17.41 -7.47 -8.99
N SER A 12 -17.98 -7.30 -7.79
CA SER A 12 -17.71 -6.14 -6.98
C SER A 12 -16.25 -5.94 -6.65
N HIS A 13 -15.52 -7.06 -6.63
CA HIS A 13 -14.06 -7.02 -6.39
C HIS A 13 -13.27 -6.47 -7.61
N PHE A 14 -13.99 -6.20 -8.72
CA PHE A 14 -13.38 -5.61 -9.92
C PHE A 14 -13.80 -4.16 -10.06
N ASN A 15 -14.52 -3.67 -9.04
CA ASN A 15 -15.02 -2.28 -9.01
C ASN A 15 -14.41 -1.45 -7.87
N PRO A 16 -13.60 -0.43 -8.22
CA PRO A 16 -12.81 0.17 -7.10
C PRO A 16 -13.77 0.73 -6.03
N ARG A 17 -14.89 1.39 -6.46
CA ARG A 17 -15.78 1.98 -5.45
C ARG A 17 -16.51 0.91 -4.61
N ASP A 18 -17.00 -0.16 -5.25
CA ASP A 18 -17.63 -1.20 -4.41
C ASP A 18 -16.67 -1.74 -3.38
N TYR A 19 -15.39 -1.85 -3.78
CA TYR A 19 -14.37 -2.39 -2.87
C TYR A 19 -14.24 -1.44 -1.68
N LEU A 20 -14.12 -0.12 -1.91
CA LEU A 20 -14.08 0.88 -0.82
C LEU A 20 -15.33 0.77 0.11
N GLU A 21 -16.50 0.75 -0.50
CA GLU A 21 -17.74 0.67 0.32
C GLU A 21 -17.84 -0.63 1.10
N LYS A 22 -17.27 -1.71 0.56
CA LYS A 22 -17.35 -2.98 1.31
C LYS A 22 -16.48 -2.94 2.57
N TYR A 23 -15.32 -2.33 2.50
CA TYR A 23 -14.35 -2.57 3.59
C TYR A 23 -13.94 -1.36 4.39
N TYR A 24 -14.04 -0.17 3.82
CA TYR A 24 -13.39 1.03 4.45
C TYR A 24 -14.33 2.03 5.09
N LYS A 25 -15.60 1.66 5.24
CA LYS A 25 -16.53 2.64 5.88
C LYS A 25 -16.17 2.94 7.36
N PHE A 26 -15.54 1.98 8.02
CA PHE A 26 -14.95 2.15 9.37
C PHE A 26 -16.00 2.59 10.41
N GLY A 27 -17.15 1.92 10.40
CA GLY A 27 -18.40 2.31 11.12
C GLY A 27 -18.57 1.22 12.16
N SER A 31 -15.80 -4.73 12.97
CA SER A 31 -15.52 -5.77 11.94
C SER A 31 -14.05 -6.26 12.01
N ALA A 32 -13.83 -7.52 11.61
CA ALA A 32 -12.47 -8.09 11.55
C ALA A 32 -11.59 -7.18 10.64
N GLU A 33 -12.16 -6.72 9.53
CA GLU A 33 -11.37 -5.92 8.58
C GLU A 33 -11.00 -4.58 9.18
N SER A 34 -11.93 -3.92 9.89
CA SER A 34 -11.63 -2.67 10.54
C SER A 34 -10.52 -2.84 11.56
N GLN A 35 -10.51 -3.95 12.33
CA GLN A 35 -9.45 -4.14 13.31
CA GLN A 35 -9.47 -4.20 13.32
C GLN A 35 -8.11 -4.34 12.57
N ILE A 36 -8.11 -5.10 11.45
CA ILE A 36 -6.85 -5.25 10.73
C ILE A 36 -6.37 -3.86 10.20
N LEU A 37 -7.30 -3.04 9.70
CA LEU A 37 -6.94 -1.71 9.23
C LEU A 37 -6.35 -0.88 10.34
N LYS A 38 -6.89 -0.96 11.60
CA LYS A 38 -6.28 -0.21 12.69
C LYS A 38 -4.85 -0.66 12.93
N HIS A 39 -4.58 -1.98 12.86
CA HIS A 39 -3.18 -2.47 12.94
C HIS A 39 -2.30 -1.86 11.86
N LEU A 40 -2.81 -1.79 10.63
CA LEU A 40 -2.02 -1.18 9.49
C LEU A 40 -1.75 0.33 9.76
N LEU A 41 -2.80 1.03 10.17
CA LEU A 41 -2.69 2.45 10.45
C LEU A 41 -1.69 2.74 11.61
N LYS A 42 -1.71 1.92 12.64
CA LYS A 42 -0.80 2.11 13.79
C LYS A 42 0.61 1.86 13.35
N ASN A 43 0.79 0.90 12.46
CA ASN A 43 2.15 0.63 12.09
C ASN A 43 2.64 1.67 11.03
N LEU A 44 1.75 2.17 10.18
CA LEU A 44 2.16 3.27 9.21
C LEU A 44 2.56 4.51 10.03
N PHE A 45 1.78 4.80 11.07
CA PHE A 45 2.12 5.94 11.93
C PHE A 45 3.49 5.69 12.60
N LYS A 46 3.76 4.45 13.00
CA LYS A 46 5.04 4.16 13.63
C LYS A 46 6.18 4.36 12.65
N ILE A 47 6.00 3.82 11.44
CA ILE A 47 7.07 3.86 10.44
C ILE A 47 7.45 5.35 10.04
N PHE A 48 6.44 6.12 9.71
CA PHE A 48 6.65 7.45 9.20
C PHE A 48 6.89 8.50 10.27
N CYS A 49 6.38 8.28 11.46
CA CYS A 49 6.34 9.34 12.47
C CYS A 49 7.12 9.02 13.71
N LEU A 50 7.40 7.75 14.03
CA LEU A 50 8.33 7.39 15.16
C LEU A 50 9.65 6.86 14.68
N ASP A 51 9.66 6.07 13.59
CA ASP A 51 10.88 5.38 13.17
C ASP A 51 11.74 6.12 12.14
N GLY A 52 11.40 7.34 11.82
CA GLY A 52 12.38 8.16 11.07
C GLY A 52 12.33 8.03 9.53
N VAL A 53 11.29 7.46 8.96
CA VAL A 53 11.21 7.36 7.51
C VAL A 53 10.57 8.66 7.06
N LYS A 54 11.42 9.53 6.53
CA LYS A 54 11.01 10.89 6.17
C LYS A 54 11.90 11.33 5.00
N GLY A 55 11.51 12.37 4.28
CA GLY A 55 12.36 12.85 3.12
C GLY A 55 11.49 13.72 2.26
N ASP A 56 11.96 13.96 1.06
CA ASP A 56 11.28 14.92 0.21
C ASP A 56 10.22 14.26 -0.68
N LEU A 57 10.57 13.14 -1.28
CA LEU A 57 9.74 12.53 -2.31
C LEU A 57 9.46 11.09 -2.04
N LEU A 58 8.18 10.76 -1.99
CA LEU A 58 7.75 9.38 -1.75
C LEU A 58 6.89 8.96 -2.93
N ILE A 59 7.14 7.77 -3.44
CA ILE A 59 6.30 7.22 -4.48
C ILE A 59 5.49 6.08 -3.82
N ASP A 60 4.17 6.13 -3.99
CA ASP A 60 3.29 5.10 -3.49
C ASP A 60 2.97 4.16 -4.65
N ILE A 61 3.36 2.87 -4.52
CA ILE A 61 3.17 1.95 -5.61
C ILE A 61 1.85 1.23 -5.40
N GLY A 62 1.10 1.00 -6.48
CA GLY A 62 -0.18 0.25 -6.35
C GLY A 62 -1.08 0.88 -5.28
N SER A 63 -1.27 2.19 -5.36
CA SER A 63 -2.17 2.89 -4.44
C SER A 63 -3.59 2.40 -4.39
N GLY A 64 -4.02 1.83 -5.51
CA GLY A 64 -5.37 1.41 -5.71
C GLY A 64 -6.30 2.63 -5.52
N PRO A 65 -7.50 2.42 -5.01
CA PRO A 65 -8.39 3.56 -4.79
C PRO A 65 -8.31 4.08 -3.35
N THR A 66 -7.29 3.69 -2.58
CA THR A 66 -7.27 4.03 -1.12
C THR A 66 -6.30 5.15 -0.84
N ILE A 67 -6.54 5.90 0.25
CA ILE A 67 -5.59 6.89 0.73
C ILE A 67 -5.15 6.57 2.16
N TYR A 68 -5.61 5.47 2.78
CA TYR A 68 -5.30 5.25 4.21
C TYR A 68 -3.79 5.11 4.41
N GLN A 69 -3.11 4.69 3.36
CA GLN A 69 -1.65 4.36 3.41
C GLN A 69 -0.82 5.63 3.29
N LEU A 70 -1.46 6.79 3.02
CA LEU A 70 -0.73 8.07 2.89
C LEU A 70 -0.96 9.07 4.02
N LEU A 71 -1.89 8.77 4.93
CA LEU A 71 -2.33 9.77 5.93
C LEU A 71 -1.21 10.22 6.89
N SER A 72 -0.53 9.26 7.47
CA SER A 72 0.66 9.61 8.27
C SER A 72 1.86 9.98 7.42
N ALA A 73 2.00 9.36 6.24
CA ALA A 73 3.17 9.59 5.38
C ALA A 73 3.22 11.06 4.94
N CYS A 74 2.06 11.73 4.84
CA CYS A 74 2.06 13.06 4.31
C CYS A 74 2.58 14.05 5.40
N GLU A 75 2.75 13.55 6.64
CA GLU A 75 3.46 14.34 7.69
C GLU A 75 4.95 14.34 7.50
N SER A 76 5.49 13.35 6.74
CA SER A 76 6.91 13.09 6.64
C SER A 76 7.52 13.32 5.25
N PHE A 77 6.67 13.46 4.24
CA PHE A 77 7.10 13.74 2.88
C PHE A 77 6.44 14.92 2.29
N LYS A 78 7.23 15.84 1.73
CA LYS A 78 6.68 17.06 1.17
C LYS A 78 5.93 16.71 -0.16
N GLU A 79 6.43 15.75 -0.95
CA GLU A 79 5.73 15.38 -2.24
C GLU A 79 5.42 13.91 -2.34
N ILE A 80 4.18 13.58 -2.76
CA ILE A 80 3.77 12.19 -2.89
C ILE A 80 3.34 11.91 -4.33
N VAL A 81 3.87 10.83 -4.92
CA VAL A 81 3.40 10.45 -6.26
C VAL A 81 2.50 9.19 -6.02
N VAL A 82 1.25 9.20 -6.44
CA VAL A 82 0.47 7.93 -6.30
C VAL A 82 0.37 7.20 -7.67
N THR A 83 0.26 5.88 -7.65
CA THR A 83 0.38 5.12 -8.93
C THR A 83 -0.45 3.83 -8.82
N ASP A 84 -0.86 3.27 -9.96
CA ASP A 84 -1.57 2.00 -9.95
C ASP A 84 -1.48 1.40 -11.34
N TYR A 85 -1.60 0.11 -11.41
CA TYR A 85 -1.60 -0.51 -12.75
C TYR A 85 -2.95 -0.38 -13.41
N SER A 86 -3.98 -0.03 -12.64
CA SER A 86 -5.35 0.05 -13.19
C SER A 86 -5.79 1.46 -13.32
N ASP A 87 -6.22 1.83 -14.54
CA ASP A 87 -6.82 3.18 -14.69
C ASP A 87 -8.04 3.41 -13.84
N GLN A 88 -8.85 2.36 -13.68
CA GLN A 88 -10.06 2.50 -12.86
C GLN A 88 -9.75 2.84 -11.39
N ASN A 89 -8.76 2.14 -10.85
CA ASN A 89 -8.34 2.50 -9.47
C ASN A 89 -8.00 3.98 -9.41
N LEU A 90 -7.23 4.47 -10.36
CA LEU A 90 -6.74 5.83 -10.27
C LEU A 90 -7.90 6.85 -10.46
N GLN A 91 -8.88 6.47 -11.27
CA GLN A 91 -10.08 7.33 -11.48
C GLN A 91 -10.78 7.52 -10.18
N GLU A 92 -10.97 6.43 -9.45
CA GLU A 92 -11.61 6.47 -8.14
C GLU A 92 -10.82 7.33 -7.16
N LEU A 93 -9.49 7.09 -7.08
CA LEU A 93 -8.61 7.86 -6.24
C LEU A 93 -8.69 9.36 -6.61
N GLU A 94 -8.69 9.65 -7.90
CA GLU A 94 -8.79 11.07 -8.29
C GLU A 94 -10.09 11.77 -7.90
N LYS A 95 -11.19 11.06 -7.81
CA LYS A 95 -12.44 11.67 -7.29
C LYS A 95 -12.20 12.30 -5.95
N TRP A 96 -11.51 11.59 -5.08
CA TRP A 96 -11.17 12.08 -3.78
C TRP A 96 -10.09 13.15 -3.82
N LEU A 97 -9.04 12.97 -4.60
CA LEU A 97 -7.97 13.97 -4.66
C LEU A 97 -8.54 15.33 -5.09
N LYS A 98 -9.46 15.31 -6.06
CA LYS A 98 -10.10 16.51 -6.61
C LYS A 98 -11.27 17.00 -5.79
N LYS A 99 -11.58 16.34 -4.67
CA LYS A 99 -12.66 16.82 -3.74
C LYS A 99 -14.08 16.85 -4.32
N GLU A 100 -14.34 15.98 -5.29
CA GLU A 100 -15.66 15.77 -5.89
C GLU A 100 -16.68 15.18 -4.90
N PRO A 101 -17.97 15.63 -4.96
CA PRO A 101 -18.92 15.16 -3.94
C PRO A 101 -19.20 13.67 -3.99
N ALA A 102 -19.08 13.02 -5.17
CA ALA A 102 -19.35 11.55 -5.26
C ALA A 102 -18.14 10.71 -4.86
N ALA A 103 -17.09 11.35 -4.39
CA ALA A 103 -15.89 10.63 -3.85
C ALA A 103 -16.21 9.83 -2.58
N PHE A 104 -15.37 8.85 -2.29
CA PHE A 104 -15.50 8.06 -1.08
C PHE A 104 -15.38 8.95 0.15
N ASP A 105 -16.17 8.62 1.20
CA ASP A 105 -16.04 9.34 2.46
C ASP A 105 -14.96 8.69 3.36
N TRP A 106 -13.73 9.25 3.34
CA TRP A 106 -12.63 8.76 4.18
C TRP A 106 -12.68 9.38 5.59
N SER A 107 -13.68 10.25 5.86
CA SER A 107 -13.59 10.99 7.15
C SER A 107 -13.42 10.13 8.43
N PRO A 108 -14.10 8.97 8.59
CA PRO A 108 -13.86 8.25 9.89
C PRO A 108 -12.40 7.76 10.02
N VAL A 109 -11.83 7.34 8.88
CA VAL A 109 -10.46 6.89 8.84
C VAL A 109 -9.53 8.04 9.13
N VAL A 110 -9.75 9.17 8.48
CA VAL A 110 -8.90 10.35 8.69
C VAL A 110 -8.91 10.75 10.18
N THR A 111 -10.13 10.77 10.80
CA THR A 111 -10.30 11.08 12.22
C THR A 111 -9.50 10.15 13.11
N TYR A 112 -9.54 8.84 12.80
CA TYR A 112 -8.75 7.82 13.54
C TYR A 112 -7.23 8.14 13.49
N VAL A 113 -6.71 8.40 12.30
CA VAL A 113 -5.32 8.72 12.13
C VAL A 113 -4.98 10.05 12.85
N CYS A 114 -5.85 11.07 12.70
CA CYS A 114 -5.57 12.29 13.49
C CYS A 114 -5.45 12.03 15.02
N ASP A 115 -6.33 11.17 15.54
CA ASP A 115 -6.22 10.73 16.95
C ASP A 115 -4.95 9.98 17.17
N LEU A 116 -4.54 9.09 16.27
CA LEU A 116 -3.27 8.39 16.55
C LEU A 116 -2.09 9.35 16.67
N GLU A 117 -2.14 10.43 15.91
CA GLU A 117 -1.14 11.47 15.86
C GLU A 117 -1.29 12.53 16.97
N GLY A 118 -2.22 12.30 17.87
CA GLY A 118 -2.39 13.12 19.09
C GLY A 118 -3.16 14.39 18.80
N ASN A 119 -3.89 14.38 17.69
CA ASN A 119 -4.71 15.52 17.22
C ASN A 119 -3.90 16.83 17.10
N ARG A 120 -2.65 16.73 16.62
CA ARG A 120 -1.94 17.92 16.21
C ARG A 120 -2.67 18.58 15.04
N VAL A 121 -3.30 17.78 14.18
CA VAL A 121 -4.18 18.39 13.15
C VAL A 121 -5.60 17.80 13.24
N LYS A 122 -6.60 18.56 12.80
CA LYS A 122 -7.94 18.01 12.72
C LYS A 122 -8.13 17.45 11.30
N GLY A 123 -9.19 16.66 11.15
CA GLY A 123 -9.48 15.97 9.87
C GLY A 123 -9.37 16.81 8.60
N PRO A 124 -10.14 17.93 8.48
CA PRO A 124 -10.05 18.82 7.32
C PRO A 124 -8.64 19.28 6.97
N GLU A 125 -7.84 19.68 7.98
CA GLU A 125 -6.49 20.07 7.72
C GLU A 125 -5.65 18.87 7.23
N LYS A 126 -5.86 17.71 7.83
CA LYS A 126 -5.13 16.50 7.33
C LYS A 126 -5.49 16.21 5.81
N GLU A 127 -6.78 16.18 5.47
CA GLU A 127 -7.19 15.95 4.06
C GLU A 127 -6.54 16.96 3.13
N GLU A 128 -6.48 18.21 3.61
CA GLU A 128 -5.86 19.26 2.78
C GLU A 128 -4.36 19.06 2.60
N LYS A 129 -3.70 18.66 3.69
CA LYS A 129 -2.24 18.44 3.60
C LYS A 129 -1.97 17.28 2.61
N LEU A 130 -2.73 16.18 2.75
CA LEU A 130 -2.59 15.08 1.74
C LEU A 130 -2.86 15.52 0.27
N ARG A 131 -3.98 16.20 0.02
CA ARG A 131 -4.24 16.68 -1.37
C ARG A 131 -3.14 17.59 -1.94
N GLN A 132 -2.65 18.50 -1.14
CA GLN A 132 -1.50 19.31 -1.52
C GLN A 132 -0.22 18.51 -1.81
N ALA A 133 0.03 17.43 -1.08
CA ALA A 133 1.28 16.64 -1.22
C ALA A 133 1.23 15.81 -2.51
N VAL A 134 0.03 15.44 -2.97
CA VAL A 134 -0.08 14.54 -4.14
C VAL A 134 0.11 15.38 -5.42
N LYS A 135 1.25 15.17 -6.02
CA LYS A 135 1.67 16.02 -7.10
C LYS A 135 1.46 15.35 -8.42
N GLN A 136 1.36 14.02 -8.47
CA GLN A 136 1.34 13.34 -9.79
C GLN A 136 0.58 12.05 -9.54
N VAL A 137 -0.20 11.62 -10.54
CA VAL A 137 -0.99 10.39 -10.48
C VAL A 137 -0.61 9.60 -11.71
N LEU A 138 0.10 8.47 -11.57
CA LEU A 138 0.77 7.78 -12.72
C LEU A 138 0.48 6.28 -12.80
N LYS A 139 0.59 5.68 -14.01
CA LYS A 139 0.53 4.20 -14.12
C LYS A 139 1.82 3.63 -13.54
N CYS A 140 1.72 2.47 -12.91
CA CYS A 140 2.94 1.72 -12.53
C CYS A 140 2.72 0.28 -12.98
N ASP A 141 3.83 -0.42 -13.14
CA ASP A 141 3.84 -1.83 -13.43
C ASP A 141 5.13 -2.39 -12.88
N VAL A 142 5.07 -3.06 -11.73
CA VAL A 142 6.25 -3.51 -11.02
C VAL A 142 6.98 -4.58 -11.81
N THR A 143 6.31 -5.14 -12.83
CA THR A 143 6.93 -6.22 -13.63
C THR A 143 7.85 -5.68 -14.68
N GLN A 144 7.81 -4.37 -14.88
CA GLN A 144 8.65 -3.72 -15.88
C GLN A 144 10.00 -3.23 -15.25
N SER A 145 11.13 -3.47 -15.91
CA SER A 145 12.38 -2.91 -15.36
C SER A 145 12.32 -1.38 -15.01
N GLN A 146 11.46 -0.60 -15.73
CA GLN A 146 11.21 0.81 -15.38
C GLN A 146 9.74 0.85 -14.99
N PRO A 147 9.46 0.72 -13.67
CA PRO A 147 8.03 0.46 -13.30
C PRO A 147 7.13 1.64 -13.58
N LEU A 148 7.66 2.88 -13.58
CA LEU A 148 6.82 4.04 -13.91
C LEU A 148 6.93 4.46 -15.37
N GLY A 149 7.55 3.60 -16.18
CA GLY A 149 7.68 3.90 -17.63
C GLY A 149 8.63 5.06 -17.89
N ALA A 150 9.64 5.24 -17.00
CA ALA A 150 10.67 6.28 -17.15
C ALA A 150 10.16 7.76 -17.19
N VAL A 151 9.07 8.01 -16.45
CA VAL A 151 8.56 9.39 -16.22
C VAL A 151 9.73 10.22 -15.62
N PRO A 152 9.75 11.53 -15.90
CA PRO A 152 10.87 12.39 -15.46
C PRO A 152 10.83 12.77 -13.96
N LEU A 153 10.97 11.77 -13.11
CA LEU A 153 11.05 11.98 -11.65
C LEU A 153 12.46 11.74 -11.25
N PRO A 154 12.98 12.53 -10.31
CA PRO A 154 14.37 12.28 -9.86
C PRO A 154 14.33 11.07 -8.89
N PRO A 155 15.49 10.51 -8.51
CA PRO A 155 15.39 9.34 -7.62
C PRO A 155 14.74 9.73 -6.29
N ALA A 156 13.79 8.90 -5.83
CA ALA A 156 12.95 9.23 -4.68
C ALA A 156 13.62 8.86 -3.33
N ASP A 157 13.06 9.41 -2.23
CA ASP A 157 13.55 9.20 -0.86
C ASP A 157 12.88 7.96 -0.27
N CYS A 158 11.72 7.57 -0.79
CA CYS A 158 10.99 6.40 -0.22
C CYS A 158 10.07 5.80 -1.31
N VAL A 159 9.92 4.48 -1.36
CA VAL A 159 8.87 3.90 -2.21
C VAL A 159 8.05 3.10 -1.18
N LEU A 160 6.73 3.24 -1.20
CA LEU A 160 5.84 2.52 -0.30
C LEU A 160 5.06 1.54 -1.18
N SER A 161 5.00 0.26 -0.74
CA SER A 161 4.27 -0.84 -1.46
C SER A 161 3.41 -1.54 -0.44
N THR A 162 2.12 -1.16 -0.35
CA THR A 162 1.22 -1.68 0.74
C THR A 162 0.25 -2.64 0.07
N LEU A 163 0.39 -3.96 0.34
CA LEU A 163 -0.68 -4.92 -0.07
C LEU A 163 -1.07 -4.75 -1.57
N CYS A 164 -0.07 -4.78 -2.47
CA CYS A 164 -0.41 -4.55 -3.88
C CYS A 164 0.49 -5.28 -4.85
N LEU A 165 1.16 -6.32 -4.38
CA LEU A 165 2.12 -7.03 -5.23
C LEU A 165 1.69 -8.45 -5.57
N ASP A 166 0.91 -9.10 -4.67
CA ASP A 166 0.69 -10.56 -4.85
C ASP A 166 -0.11 -10.88 -6.10
N ALA A 167 -0.99 -9.99 -6.52
CA ALA A 167 -1.74 -10.21 -7.77
C ALA A 167 -0.83 -10.24 -8.99
N ALA A 168 0.19 -9.36 -8.98
CA ALA A 168 1.13 -9.24 -10.07
C ALA A 168 2.33 -10.18 -9.97
N CYS A 169 2.66 -10.65 -8.78
CA CYS A 169 3.86 -11.41 -8.50
C CYS A 169 3.39 -12.70 -7.89
N PRO A 170 3.15 -13.71 -8.73
CA PRO A 170 2.58 -14.95 -8.21
C PRO A 170 3.58 -15.87 -7.51
N ASP A 171 4.85 -15.54 -7.48
CA ASP A 171 5.77 -16.43 -6.79
C ASP A 171 6.93 -15.66 -6.26
N LEU A 172 7.77 -16.34 -5.48
CA LEU A 172 8.90 -15.58 -4.81
C LEU A 172 9.89 -14.87 -5.79
N PRO A 173 10.33 -15.57 -6.90
CA PRO A 173 11.27 -14.94 -7.78
C PRO A 173 10.68 -13.66 -8.42
N THR A 174 9.41 -13.69 -8.72
CA THR A 174 8.77 -12.54 -9.38
C THR A 174 8.61 -11.40 -8.37
N TYR A 175 8.24 -11.77 -7.14
CA TYR A 175 8.23 -10.80 -6.03
C TYR A 175 9.60 -10.12 -5.90
N CYS A 176 10.69 -10.89 -5.80
CA CYS A 176 12.05 -10.34 -5.72
C CYS A 176 12.32 -9.37 -6.91
N ARG A 177 12.03 -9.81 -8.12
CA ARG A 177 12.27 -8.99 -9.30
C ARG A 177 11.49 -7.72 -9.24
N ALA A 178 10.23 -7.76 -8.80
CA ALA A 178 9.50 -6.49 -8.64
C ALA A 178 10.19 -5.52 -7.68
N LEU A 179 10.67 -6.02 -6.55
CA LEU A 179 11.42 -5.15 -5.61
C LEU A 179 12.72 -4.56 -6.23
N ARG A 180 13.39 -5.39 -7.03
CA ARG A 180 14.57 -4.94 -7.69
C ARG A 180 14.20 -3.87 -8.73
N ASN A 181 13.09 -4.06 -9.45
CA ASN A 181 12.63 -3.02 -10.39
C ASN A 181 12.28 -1.71 -9.70
N LEU A 182 11.58 -1.78 -8.56
CA LEU A 182 11.28 -0.60 -7.76
C LEU A 182 12.50 0.16 -7.30
N GLY A 183 13.61 -0.54 -7.10
CA GLY A 183 14.88 0.09 -6.67
C GLY A 183 15.38 1.12 -7.62
N SER A 184 15.06 0.97 -8.94
CA SER A 184 15.47 1.96 -9.95
C SER A 184 14.82 3.30 -9.65
N LEU A 185 13.75 3.33 -8.85
CA LEU A 185 13.11 4.60 -8.51
C LEU A 185 13.74 5.29 -7.34
N LEU A 186 14.68 4.65 -6.61
CA LEU A 186 15.09 5.23 -5.33
C LEU A 186 16.52 5.70 -5.41
N LYS A 187 16.84 6.74 -4.64
CA LYS A 187 18.26 7.20 -4.53
C LYS A 187 19.01 6.21 -3.71
N PRO A 188 20.35 6.17 -3.87
CA PRO A 188 21.10 5.31 -2.91
C PRO A 188 20.77 5.65 -1.46
N GLY A 189 20.56 4.65 -0.62
CA GLY A 189 20.11 4.92 0.80
C GLY A 189 18.62 5.24 1.01
N GLY A 190 17.87 5.37 -0.09
CA GLY A 190 16.41 5.66 -0.07
C GLY A 190 15.66 4.47 0.54
N PHE A 191 14.50 4.74 1.18
CA PHE A 191 13.78 3.71 1.98
C PHE A 191 12.84 2.97 1.08
N LEU A 192 12.68 1.64 1.33
CA LEU A 192 11.57 0.84 0.76
C LEU A 192 10.75 0.42 1.97
N VAL A 193 9.44 0.65 1.93
CA VAL A 193 8.56 0.26 3.03
C VAL A 193 7.59 -0.72 2.39
N ILE A 194 7.56 -1.97 2.84
CA ILE A 194 6.64 -2.99 2.28
C ILE A 194 5.66 -3.32 3.40
N MET A 195 4.38 -3.44 3.08
CA MET A 195 3.45 -4.10 3.97
C MET A 195 2.80 -5.19 3.14
N ASP A 196 2.67 -6.40 3.71
CA ASP A 196 2.18 -7.51 2.86
C ASP A 196 1.70 -8.64 3.76
N ALA A 197 1.17 -9.71 3.19
CA ALA A 197 0.55 -10.79 3.98
C ALA A 197 1.43 -12.02 4.00
N LEU A 198 1.59 -12.65 5.16
CA LEU A 198 2.36 -13.90 5.24
C LEU A 198 1.49 -15.04 4.70
N LYS A 199 2.04 -15.93 3.84
CA LYS A 199 1.35 -17.19 3.42
C LYS A 199 -0.06 -16.90 2.95
N SER A 200 -0.19 -15.95 2.03
CA SER A 200 -1.56 -15.50 1.61
C SER A 200 -2.24 -16.43 0.62
N SER A 201 -3.57 -16.41 0.58
CA SER A 201 -4.29 -17.03 -0.52
C SER A 201 -5.59 -16.28 -0.74
N TYR A 202 -6.04 -16.26 -1.99
CA TYR A 202 -7.20 -15.47 -2.40
C TYR A 202 -7.97 -16.43 -3.33
N TYR A 203 -9.28 -16.51 -3.12
CA TYR A 203 -10.09 -17.41 -3.85
C TYR A 203 -10.51 -16.77 -5.16
N MET A 204 -10.13 -17.40 -6.28
CA MET A 204 -10.52 -16.88 -7.60
C MET A 204 -11.80 -17.58 -8.04
N ILE A 205 -12.93 -16.86 -7.96
CA ILE A 205 -14.25 -17.42 -8.30
C ILE A 205 -14.28 -17.85 -9.74
N GLY A 206 -13.78 -17.01 -10.64
CA GLY A 206 -13.78 -17.43 -12.07
C GLY A 206 -13.08 -18.73 -12.34
N GLU A 207 -11.83 -18.79 -11.88
CA GLU A 207 -10.99 -19.99 -12.09
C GLU A 207 -11.24 -21.12 -11.10
N GLN A 208 -12.07 -20.87 -10.09
CA GLN A 208 -12.49 -21.84 -9.06
C GLN A 208 -11.27 -22.49 -8.32
N LYS A 209 -10.33 -21.64 -7.88
CA LYS A 209 -9.16 -22.15 -7.17
C LYS A 209 -8.61 -21.02 -6.27
N PHE A 210 -7.86 -21.34 -5.21
CA PHE A 210 -7.12 -20.30 -4.52
C PHE A 210 -5.85 -19.96 -5.28
N SER A 211 -5.45 -18.71 -5.32
CA SER A 211 -4.08 -18.41 -5.80
C SER A 211 -3.34 -17.87 -4.58
N SER A 212 -2.14 -18.39 -4.40
CA SER A 212 -1.44 -18.28 -3.14
C SER A 212 -0.02 -17.83 -3.38
N LEU A 213 0.51 -17.04 -2.44
CA LEU A 213 1.92 -16.56 -2.52
C LEU A 213 2.51 -16.89 -1.16
N PRO A 214 3.53 -17.79 -1.14
CA PRO A 214 4.01 -18.28 0.18
C PRO A 214 5.08 -17.35 0.89
N LEU A 215 4.76 -16.10 1.11
CA LEU A 215 5.69 -15.18 1.83
C LEU A 215 5.79 -15.59 3.32
N GLY A 216 7.01 -15.74 3.81
CA GLY A 216 7.30 -15.88 5.22
C GLY A 216 8.47 -14.92 5.47
N ARG A 217 8.83 -14.74 6.76
CA ARG A 217 9.90 -13.80 7.13
C ARG A 217 11.22 -14.10 6.42
N GLU A 218 11.65 -15.36 6.46
CA GLU A 218 13.01 -15.68 5.94
C GLU A 218 12.99 -15.45 4.42
N ALA A 219 11.91 -15.85 3.74
CA ALA A 219 11.86 -15.74 2.30
C ALA A 219 11.76 -14.27 1.88
N VAL A 220 10.96 -13.48 2.61
CA VAL A 220 10.78 -12.07 2.28
C VAL A 220 12.07 -11.29 2.51
N GLU A 221 12.71 -11.54 3.64
CA GLU A 221 14.00 -10.89 3.90
C GLU A 221 15.05 -11.21 2.88
N ALA A 222 15.10 -12.47 2.49
CA ALA A 222 16.05 -12.87 1.43
C ALA A 222 15.72 -12.13 0.11
N ALA A 223 14.44 -12.06 -0.24
CA ALA A 223 14.01 -11.42 -1.52
C ALA A 223 14.38 -9.94 -1.51
N VAL A 224 14.09 -9.25 -0.43
CA VAL A 224 14.54 -7.86 -0.27
C VAL A 224 16.07 -7.72 -0.41
N LYS A 225 16.83 -8.56 0.33
CA LYS A 225 18.30 -8.39 0.27
C LYS A 225 18.84 -8.72 -1.19
N GLU A 226 18.32 -9.76 -1.84
CA GLU A 226 18.75 -9.99 -3.23
C GLU A 226 18.30 -8.96 -4.23
N ALA A 227 17.29 -8.16 -3.88
CA ALA A 227 16.82 -7.08 -4.76
C ALA A 227 17.62 -5.80 -4.62
N GLY A 228 18.65 -5.83 -3.78
CA GLY A 228 19.64 -4.79 -3.57
C GLY A 228 19.29 -3.82 -2.44
N TYR A 229 18.62 -4.28 -1.38
CA TYR A 229 18.41 -3.49 -0.19
C TYR A 229 19.04 -4.09 1.08
N THR A 230 19.19 -3.24 2.09
CA THR A 230 19.58 -3.74 3.41
C THR A 230 18.39 -3.56 4.36
N ILE A 231 18.10 -4.55 5.19
CA ILE A 231 16.87 -4.53 6.00
C ILE A 231 17.10 -3.67 7.25
N GLU A 232 16.20 -2.70 7.55
CA GLU A 232 16.30 -1.87 8.76
C GLU A 232 15.46 -2.56 9.83
N TRP A 233 14.22 -2.99 9.49
CA TRP A 233 13.37 -3.62 10.46
C TRP A 233 12.28 -4.48 9.82
N PHE A 234 12.07 -5.69 10.31
CA PHE A 234 10.91 -6.49 9.92
C PHE A 234 9.99 -6.68 11.12
N GLU A 235 8.66 -6.58 10.96
CA GLU A 235 7.81 -6.85 12.13
C GLU A 235 6.51 -7.52 11.68
N VAL A 236 6.02 -8.54 12.42
CA VAL A 236 4.68 -9.09 12.13
C VAL A 236 3.64 -8.19 12.89
N ILE A 237 2.64 -7.65 12.21
CA ILE A 237 1.82 -6.63 12.79
C ILE A 237 0.37 -7.03 13.02
N SER A 238 -0.01 -8.23 12.65
CA SER A 238 -1.35 -8.74 12.95
C SER A 238 -1.33 -10.24 13.03
N GLN A 239 -2.38 -10.79 13.60
CA GLN A 239 -2.57 -12.24 13.64
C GLN A 239 -3.20 -12.74 12.32
N SER A 240 -3.28 -14.07 12.12
CA SER A 240 -3.99 -14.71 11.00
C SER A 240 -5.40 -14.18 10.86
N TYR A 241 -5.79 -14.10 9.60
CA TYR A 241 -7.08 -13.61 9.19
C TYR A 241 -7.64 -14.56 8.13
N SER A 242 -8.96 -14.73 8.14
CA SER A 242 -9.64 -15.62 7.23
C SER A 242 -11.02 -14.99 6.97
N SER A 243 -11.36 -14.84 5.69
CA SER A 243 -12.74 -14.47 5.29
C SER A 243 -13.20 -15.58 4.31
N THR A 244 -14.37 -15.42 3.70
CA THR A 244 -14.73 -16.47 2.70
C THR A 244 -13.83 -16.44 1.46
N MET A 245 -13.14 -15.33 1.23
CA MET A 245 -12.47 -15.10 -0.05
C MET A 245 -10.95 -14.92 0.15
N ALA A 246 -10.47 -14.81 1.37
CA ALA A 246 -8.98 -14.67 1.61
C ALA A 246 -8.52 -15.32 2.89
N ASN A 247 -7.23 -15.65 2.95
CA ASN A 247 -6.52 -16.08 4.20
CA ASN A 247 -6.58 -15.95 4.25
C ASN A 247 -5.11 -15.57 4.27
N ASN A 248 -4.60 -15.37 5.47
CA ASN A 248 -3.15 -15.17 5.63
C ASN A 248 -2.82 -15.56 7.01
N GLU A 249 -1.52 -15.69 7.25
CA GLU A 249 -1.04 -15.98 8.55
C GLU A 249 -0.50 -14.72 9.31
N GLY A 250 -1.00 -13.57 8.93
CA GLY A 250 -0.74 -12.32 9.58
C GLY A 250 -0.16 -11.35 8.55
N LEU A 251 -0.18 -10.08 8.87
CA LEU A 251 0.49 -9.07 7.99
C LEU A 251 1.82 -8.70 8.61
N PHE A 252 2.74 -8.28 7.76
CA PHE A 252 4.04 -7.79 8.19
C PHE A 252 4.33 -6.46 7.51
N SER A 253 5.28 -5.73 8.09
CA SER A 253 5.83 -4.55 7.46
C SER A 253 7.35 -4.75 7.53
N LEU A 254 8.05 -4.10 6.60
CA LEU A 254 9.50 -4.21 6.52
C LEU A 254 9.98 -2.90 5.99
N VAL A 255 10.98 -2.38 6.67
CA VAL A 255 11.61 -1.19 6.22
C VAL A 255 13.01 -1.59 5.78
N ALA A 256 13.42 -1.11 4.59
CA ALA A 256 14.73 -1.47 3.98
C ALA A 256 15.33 -0.20 3.40
N ARG A 257 16.65 -0.19 3.18
CA ARG A 257 17.32 0.91 2.49
C ARG A 257 18.00 0.36 1.25
N LYS A 258 17.85 1.06 0.15
CA LYS A 258 18.56 0.70 -1.06
C LYS A 258 20.11 0.78 -0.83
N LEU A 259 20.91 -0.18 -1.35
CA LEU A 259 22.38 -0.04 -1.27
C LEU A 259 23.01 1.31 -1.71
N PHE B 1 -6.70 -6.40 -9.55
CA PHE B 1 -8.02 -7.14 -9.39
C PHE B 1 -7.85 -8.68 -9.35
N PRO B 2 -8.65 -9.42 -8.57
CA PRO B 2 -9.70 -8.88 -7.71
C PRO B 2 -9.17 -8.30 -6.44
N LEU B 3 -9.80 -7.18 -6.03
CA LEU B 3 -9.39 -6.44 -4.84
C LEU B 3 -10.15 -7.08 -3.69
N ILE B 4 -9.52 -8.05 -3.00
CA ILE B 4 -10.21 -8.76 -1.94
C ILE B 4 -9.38 -8.42 -0.71
N PHE B 5 -10.02 -7.78 0.28
CA PHE B 5 -9.24 -7.40 1.47
C PHE B 5 -8.37 -8.55 2.05
N PRO B 6 -7.12 -8.33 2.47
CA PRO B 6 -6.45 -7.03 2.65
C PRO B 6 -5.75 -6.45 1.38
N ARG B 7 -5.83 -7.10 0.21
CA ARG B 7 -5.31 -6.47 -1.00
C ARG B 7 -5.89 -5.06 -1.10
N LYS B 8 -5.09 -4.07 -1.48
CA LYS B 8 -5.52 -2.60 -1.47
C LYS B 8 -5.42 -2.03 -2.88
N GLY B 9 -4.51 -2.55 -3.73
CA GLY B 9 -4.17 -1.88 -5.03
C GLY B 9 -3.44 -2.83 -5.97
N OCY B 10 -3.03 -2.33 -7.14
CA OCY B 10 -2.44 -3.17 -8.20
CB OCY B 10 -3.40 -3.19 -9.44
SG OCY B 10 -5.02 -3.80 -8.96
CD OCY B 10 -4.55 -5.51 -8.79
CE OCY B 10 -5.79 -6.42 -8.64
OZ OCY B 10 -6.04 -6.83 -7.47
C OCY B 10 -1.11 -2.59 -8.54
O OCY B 10 -1.05 -1.56 -9.23
N GLY B 11 -0.04 -3.17 -8.00
CA GLY B 11 1.33 -2.81 -8.41
C GLY B 11 1.69 -3.12 -9.85
N GLY B 12 1.02 -4.13 -10.40
#